data_6ZLP
#
_entry.id   6ZLP
#
_cell.length_a   143.038
_cell.length_b   101.807
_cell.length_c   58.515
_cell.angle_alpha   90.00
_cell.angle_beta   112.95
_cell.angle_gamma   90.00
#
_symmetry.space_group_name_H-M   'C 1 2 1'
#
loop_
_entity.id
_entity.type
_entity.pdbx_description
1 polymer 'Thioredoxin glutathione reductase'
2 non-polymer 'FLAVIN-ADENINE DINUCLEOTIDE'
3 non-polymer 'DIMETHYL SULFOXIDE'
4 non-polymer 2,1,3-benzothiadiazol-4-amine
5 non-polymer 'CALCIUM ION'
6 water water
#
_entity_poly.entity_id   1
_entity_poly.type   'polypeptide(L)'
_entity_poly.pdbx_seq_one_letter_code
;MPPADGTSQWLRKTVDSAAVILFSKTTCPYCKKVKDVLAEAKIKHATIELDQLSNGSAIQKCLASFSKIETVPQMFVRGK
FIGDSQTVLKYYSNDELAGIVNESKYDYDLIVIGGGSGGLAAGKEAAKYGAKTAVLDYVEPTPIGTTWGLGGTCVNVGCI
PKKLMHQAGLLSHALEDAEHFGWSLDRSKISHNWSTMVEGVQSHIGSLNWGYKVALRDNQVTYLNAKGRLISPHEVQITD
KNQKVSTITGNKIILATGERPKYPEIPGAVEYGITSDDLFSLPYFPGKTLVIGASYVALECAGFLASLGGDVTVMVRSIL
LRGFDQQMAEKVGDYMENHGVKFAKLCVPDEIKQLKVVDTENNKPGLLLVKGHYTDGKKFEEEFETVIFAVGREPQLSKV
LCETVGVKLDKNGRVVCTDDEQTTVSNVYAIGDINAGKPQLTPVAIQAGRYLARRLFAGATELTDYSNVATTVFTPLEYG
ACGLSEEDAIEKYGDKDIEVYHSNFKPLEWTVAHREDNVCYMKLVCRKSDNMRVLGLHVLGPNAGEITQGYAVAIKMGAT
KADFDRTIGIHPTCSETFTTLHVTKKSGVSPIVSGCUG
;
_entity_poly.pdbx_strand_id   A
#
loop_
_chem_comp.id
_chem_comp.type
_chem_comp.name
_chem_comp.formula
BTE non-polymer 2,1,3-benzothiadiazol-4-amine 'C6 H5 N3 S'
CA non-polymer 'CALCIUM ION' 'Ca 2'
DMS non-polymer 'DIMETHYL SULFOXIDE' 'C2 H6 O S'
FAD non-polymer 'FLAVIN-ADENINE DINUCLEOTIDE' 'C27 H33 N9 O15 P2'
#
# COMPACT_ATOMS: atom_id res chain seq x y z
N GLY A 6 -27.97 3.33 20.45
CA GLY A 6 -26.89 3.00 19.53
C GLY A 6 -26.33 1.61 19.75
N THR A 7 -26.37 1.15 20.99
CA THR A 7 -25.90 -0.19 21.32
C THR A 7 -26.70 -1.25 20.56
N SER A 8 -28.03 -1.16 20.62
CA SER A 8 -28.87 -2.12 19.92
C SER A 8 -28.52 -2.21 18.44
N GLN A 9 -28.25 -1.06 17.81
CA GLN A 9 -27.89 -1.06 16.40
C GLN A 9 -26.59 -1.82 16.17
N TRP A 10 -25.62 -1.66 17.07
CA TRP A 10 -24.33 -2.32 16.90
C TRP A 10 -24.47 -3.83 17.08
N LEU A 11 -25.25 -4.27 18.06
CA LEU A 11 -25.39 -5.70 18.31
C LEU A 11 -26.11 -6.40 17.16
N ARG A 12 -27.15 -5.77 16.62
CA ARG A 12 -27.86 -6.35 15.49
C ARG A 12 -26.93 -6.57 14.31
N LYS A 13 -26.06 -5.61 14.03
CA LYS A 13 -25.10 -5.76 12.94
C LYS A 13 -24.05 -6.82 13.26
N THR A 14 -23.57 -6.85 14.50
CA THR A 14 -22.56 -7.84 14.89
C THR A 14 -23.10 -9.26 14.76
N VAL A 15 -24.31 -9.49 15.27
CA VAL A 15 -24.88 -10.84 15.22
C VAL A 15 -25.15 -11.27 13.79
N ASP A 16 -25.71 -10.36 12.97
CA ASP A 16 -26.01 -10.71 11.58
C ASP A 16 -24.75 -11.03 10.79
N SER A 17 -23.63 -10.41 11.12
CA SER A 17 -22.45 -10.47 10.27
C SER A 17 -21.47 -11.56 10.69
N ALA A 18 -21.30 -11.77 12.00
CA ALA A 18 -20.30 -12.73 12.46
C ALA A 18 -20.59 -14.13 11.94
N ALA A 19 -19.53 -14.83 11.53
CA ALA A 19 -19.66 -16.22 11.11
C ALA A 19 -19.84 -17.13 12.32
N VAL A 20 -18.95 -17.01 13.30
CA VAL A 20 -19.03 -17.77 14.55
C VAL A 20 -18.49 -16.86 15.65
N ILE A 21 -19.36 -16.46 16.58
CA ILE A 21 -18.99 -15.52 17.62
C ILE A 21 -19.52 -16.00 18.96
N LEU A 22 -18.72 -15.79 20.00
CA LEU A 22 -19.04 -16.22 21.35
C LEU A 22 -19.11 -15.00 22.25
N PHE A 23 -20.27 -14.77 22.85
CA PHE A 23 -20.41 -13.76 23.90
C PHE A 23 -20.08 -14.43 25.23
N SER A 24 -19.20 -13.80 26.00
CA SER A 24 -18.58 -14.46 27.13
C SER A 24 -18.12 -13.40 28.13
N LYS A 25 -17.51 -13.89 29.22
CA LYS A 25 -16.83 -13.03 30.19
C LYS A 25 -15.53 -13.73 30.59
N THR A 26 -14.52 -12.91 30.93
CA THR A 26 -13.25 -13.47 31.39
C THR A 26 -13.46 -14.34 32.62
N THR A 27 -14.03 -13.77 33.67
CA THR A 27 -14.31 -14.47 34.92
C THR A 27 -15.61 -15.26 34.78
N CYS A 28 -15.53 -16.33 33.99
CA CYS A 28 -16.70 -17.14 33.68
C CYS A 28 -16.27 -18.59 33.48
N PRO A 29 -16.87 -19.55 34.19
CA PRO A 29 -16.45 -20.95 34.04
C PRO A 29 -17.11 -21.64 32.84
N TYR A 30 -18.42 -21.48 32.68
CA TYR A 30 -19.10 -22.08 31.55
C TYR A 30 -18.57 -21.57 30.23
N CYS A 31 -18.14 -20.31 30.19
CA CYS A 31 -17.56 -19.77 28.96
C CYS A 31 -16.28 -20.53 28.60
N LYS A 32 -15.36 -20.65 29.56
CA LYS A 32 -14.11 -21.35 29.30
C LYS A 32 -14.39 -22.79 28.86
N LYS A 33 -15.39 -23.42 29.46
CA LYS A 33 -15.78 -24.76 29.03
C LYS A 33 -16.15 -24.76 27.54
N VAL A 34 -16.93 -23.77 27.12
CA VAL A 34 -17.27 -23.66 25.69
C VAL A 34 -16.02 -23.38 24.87
N LYS A 35 -15.20 -22.43 25.32
CA LYS A 35 -13.97 -22.11 24.59
C LYS A 35 -13.11 -23.34 24.36
N ASP A 36 -12.84 -24.10 25.43
CA ASP A 36 -11.94 -25.23 25.33
C ASP A 36 -12.52 -26.32 24.44
N VAL A 37 -13.84 -26.51 24.48
CA VAL A 37 -14.49 -27.45 23.57
C VAL A 37 -14.24 -27.04 22.13
N LEU A 38 -14.56 -25.78 21.81
CA LEU A 38 -14.38 -25.30 20.43
C LEU A 38 -12.93 -25.43 19.99
N ALA A 39 -11.99 -25.09 20.87
CA ALA A 39 -10.57 -25.20 20.52
C ALA A 39 -10.21 -26.63 20.16
N GLU A 40 -10.63 -27.60 20.97
CA GLU A 40 -10.29 -28.99 20.68
C GLU A 40 -10.83 -29.42 19.32
N ALA A 41 -12.04 -28.99 18.98
CA ALA A 41 -12.63 -29.31 17.69
C ALA A 41 -12.11 -28.42 16.57
N LYS A 42 -11.14 -27.56 16.83
CA LYS A 42 -10.53 -26.71 15.81
C LYS A 42 -11.58 -25.84 15.12
N ILE A 43 -12.46 -25.25 15.92
CA ILE A 43 -13.49 -24.34 15.46
C ILE A 43 -13.06 -22.94 15.89
N LYS A 44 -12.61 -22.14 14.93
CA LYS A 44 -12.22 -20.76 15.21
C LYS A 44 -13.46 -19.89 15.36
N HIS A 45 -13.33 -18.82 16.13
CA HIS A 45 -14.47 -17.97 16.44
C HIS A 45 -13.99 -16.67 17.06
N ALA A 46 -14.81 -15.65 16.92
CA ALA A 46 -14.61 -14.40 17.66
C ALA A 46 -15.14 -14.55 19.07
N THR A 47 -14.59 -13.74 19.97
CA THR A 47 -15.02 -13.71 21.36
C THR A 47 -15.11 -12.27 21.82
N ILE A 48 -16.15 -11.95 22.57
CA ILE A 48 -16.34 -10.63 23.15
C ILE A 48 -16.60 -10.82 24.63
N GLU A 49 -15.60 -10.46 25.45
CA GLU A 49 -15.74 -10.52 26.90
C GLU A 49 -16.50 -9.28 27.35
N LEU A 50 -17.77 -9.48 27.71
CA LEU A 50 -18.63 -8.33 28.05
C LEU A 50 -18.14 -7.61 29.30
N ASP A 51 -17.44 -8.30 30.20
CA ASP A 51 -16.93 -7.65 31.41
C ASP A 51 -15.83 -6.65 31.11
N GLN A 52 -15.34 -6.60 29.87
CA GLN A 52 -14.30 -5.66 29.48
C GLN A 52 -14.84 -4.55 28.59
N LEU A 53 -16.14 -4.28 28.66
CA LEU A 53 -16.75 -3.20 27.89
C LEU A 53 -17.54 -2.30 28.82
N SER A 54 -17.48 -0.99 28.54
CA SER A 54 -18.24 -0.02 29.32
C SER A 54 -19.74 -0.32 29.24
N ASN A 55 -20.23 -0.62 28.03
CA ASN A 55 -21.64 -0.92 27.81
C ASN A 55 -21.94 -2.41 27.84
N GLY A 56 -21.14 -3.19 28.58
CA GLY A 56 -21.31 -4.64 28.56
C GLY A 56 -22.66 -5.09 29.10
N SER A 57 -23.05 -4.58 30.27
CA SER A 57 -24.26 -5.08 30.89
C SER A 57 -25.49 -4.76 30.06
N ALA A 58 -25.51 -3.60 29.40
CA ALA A 58 -26.61 -3.28 28.50
C ALA A 58 -26.62 -4.18 27.28
N ILE A 59 -25.43 -4.57 26.79
CA ILE A 59 -25.34 -5.51 25.70
C ILE A 59 -25.84 -6.89 26.14
N GLN A 60 -25.35 -7.35 27.29
CA GLN A 60 -25.84 -8.61 27.84
C GLN A 60 -27.35 -8.62 27.96
N LYS A 61 -27.96 -7.44 28.17
CA LYS A 61 -29.41 -7.36 28.26
C LYS A 61 -30.06 -7.37 26.88
N CYS A 62 -29.55 -6.54 25.96
CA CYS A 62 -30.08 -6.55 24.61
C CYS A 62 -29.90 -7.90 23.94
N LEU A 63 -28.91 -8.68 24.37
CA LEU A 63 -28.71 -10.01 23.81
C LEU A 63 -29.97 -10.84 23.90
N ALA A 64 -30.73 -10.69 24.99
CA ALA A 64 -31.95 -11.46 25.13
C ALA A 64 -32.93 -11.20 23.99
N SER A 65 -32.84 -10.03 23.36
CA SER A 65 -33.63 -9.77 22.17
C SER A 65 -33.32 -10.76 21.05
N PHE A 66 -32.15 -11.40 21.10
CA PHE A 66 -31.74 -12.40 20.14
C PHE A 66 -31.87 -13.82 20.68
N SER A 67 -31.39 -14.07 21.90
CA SER A 67 -31.32 -15.40 22.46
C SER A 67 -32.42 -15.71 23.45
N LYS A 68 -33.23 -14.72 23.82
CA LYS A 68 -34.24 -14.86 24.87
C LYS A 68 -33.61 -15.03 26.25
N ILE A 69 -32.29 -14.87 26.37
CA ILE A 69 -31.59 -15.04 27.64
C ILE A 69 -30.58 -13.92 27.82
N GLU A 70 -30.18 -13.70 29.08
CA GLU A 70 -29.23 -12.66 29.44
C GLU A 70 -27.96 -13.24 30.05
N THR A 71 -27.78 -14.56 30.01
CA THR A 71 -26.62 -15.20 30.61
C THR A 71 -25.53 -15.41 29.56
N VAL A 72 -24.32 -15.69 30.06
CA VAL A 72 -23.20 -16.10 29.21
C VAL A 72 -22.82 -17.52 29.60
N PRO A 73 -22.22 -18.31 28.68
CA PRO A 73 -21.88 -17.90 27.32
C PRO A 73 -23.06 -17.98 26.35
N GLN A 74 -23.00 -17.19 25.29
CA GLN A 74 -23.96 -17.26 24.20
C GLN A 74 -23.18 -17.40 22.90
N MET A 75 -23.54 -18.40 22.10
CA MET A 75 -22.83 -18.70 20.87
C MET A 75 -23.79 -18.53 19.69
N PHE A 76 -23.38 -17.70 18.73
CA PHE A 76 -24.13 -17.44 17.51
C PHE A 76 -23.37 -17.96 16.31
N VAL A 77 -24.12 -18.36 15.27
CA VAL A 77 -23.54 -18.76 14.00
C VAL A 77 -24.35 -18.09 12.90
N ARG A 78 -23.71 -17.21 12.15
CA ARG A 78 -24.28 -16.56 10.97
C ARG A 78 -25.70 -16.05 11.27
N GLY A 79 -25.79 -15.23 12.31
CA GLY A 79 -27.02 -14.55 12.65
C GLY A 79 -27.99 -15.33 13.50
N LYS A 80 -27.68 -16.57 13.86
CA LYS A 80 -28.60 -17.44 14.59
C LYS A 80 -27.99 -17.86 15.91
N PHE A 81 -28.75 -17.67 16.99
CA PHE A 81 -28.35 -18.15 18.30
C PHE A 81 -28.28 -19.67 18.28
N ILE A 82 -27.16 -20.23 18.73
CA ILE A 82 -26.95 -21.66 18.73
C ILE A 82 -27.28 -22.28 20.09
N GLY A 83 -26.86 -21.63 21.16
CA GLY A 83 -27.24 -22.09 22.48
C GLY A 83 -26.28 -21.61 23.54
N ASP A 84 -26.63 -21.94 24.78
CA ASP A 84 -25.77 -21.70 25.94
C ASP A 84 -24.76 -22.83 26.04
N SER A 85 -24.13 -22.98 27.21
CA SER A 85 -23.17 -24.06 27.40
C SER A 85 -23.78 -25.42 27.06
N GLN A 86 -24.98 -25.71 27.60
CA GLN A 86 -25.54 -27.05 27.46
C GLN A 86 -25.80 -27.41 26.01
N THR A 87 -26.45 -26.51 25.26
CA THR A 87 -26.83 -26.85 23.89
C THR A 87 -25.61 -27.05 23.00
N VAL A 88 -24.48 -26.41 23.32
CA VAL A 88 -23.25 -26.60 22.55
C VAL A 88 -22.69 -27.99 22.81
N LEU A 89 -22.52 -28.34 24.08
CA LEU A 89 -22.04 -29.68 24.42
C LEU A 89 -22.98 -30.76 23.91
N LYS A 90 -24.30 -30.47 23.88
CA LYS A 90 -25.24 -31.40 23.26
C LYS A 90 -24.90 -31.62 21.79
N TYR A 91 -24.75 -30.52 21.04
CA TYR A 91 -24.35 -30.64 19.64
C TYR A 91 -23.00 -31.33 19.50
N TYR A 92 -22.09 -31.09 20.46
CA TYR A 92 -20.76 -31.70 20.37
C TYR A 92 -20.83 -33.19 20.64
N SER A 93 -21.32 -33.58 21.82
CA SER A 93 -21.41 -34.99 22.17
C SER A 93 -22.15 -35.79 21.11
N ASN A 94 -23.16 -35.19 20.49
CA ASN A 94 -23.90 -35.82 19.40
C ASN A 94 -23.19 -35.68 18.06
N ASP A 95 -21.95 -35.20 18.06
CA ASP A 95 -21.18 -34.99 16.83
C ASP A 95 -22.04 -34.32 15.75
N GLU A 96 -22.87 -33.37 16.18
CA GLU A 96 -23.63 -32.51 15.27
C GLU A 96 -23.04 -31.10 15.21
N LEU A 97 -21.92 -30.85 15.88
CA LEU A 97 -21.44 -29.48 16.02
C LEU A 97 -20.75 -28.99 14.74
N ALA A 98 -19.97 -29.86 14.09
CA ALA A 98 -19.33 -29.47 12.84
C ALA A 98 -20.35 -29.00 11.81
N GLY A 99 -21.42 -29.78 11.64
CA GLY A 99 -22.45 -29.39 10.68
C GLY A 99 -23.16 -28.11 11.05
N ILE A 100 -23.29 -27.84 12.35
CA ILE A 100 -23.92 -26.60 12.78
C ILE A 100 -23.08 -25.39 12.38
N VAL A 101 -21.80 -25.39 12.75
CA VAL A 101 -20.94 -24.24 12.46
C VAL A 101 -20.63 -24.12 10.98
N ASN A 102 -20.83 -25.17 10.19
CA ASN A 102 -20.62 -25.13 8.75
C ASN A 102 -21.87 -24.81 7.97
N GLU A 103 -23.01 -24.61 8.65
CA GLU A 103 -24.27 -24.36 7.99
C GLU A 103 -24.32 -22.91 7.50
N SER A 104 -24.59 -22.74 6.21
CA SER A 104 -24.64 -21.40 5.62
C SER A 104 -25.45 -21.43 4.35
N LYS A 105 -26.07 -20.28 4.04
CA LYS A 105 -26.70 -20.09 2.74
C LYS A 105 -25.66 -20.02 1.62
N TYR A 106 -24.44 -19.62 1.93
CA TYR A 106 -23.41 -19.38 0.95
C TYR A 106 -22.26 -20.36 1.11
N ASP A 107 -21.49 -20.50 0.04
CA ASP A 107 -20.28 -21.33 0.11
C ASP A 107 -19.29 -20.77 1.10
N TYR A 108 -19.20 -19.44 1.18
CA TYR A 108 -18.20 -18.77 2.01
C TYR A 108 -18.84 -17.64 2.80
N ASP A 109 -18.25 -17.35 3.96
CA ASP A 109 -18.59 -16.13 4.69
C ASP A 109 -17.99 -14.91 4.01
N LEU A 110 -16.84 -15.07 3.37
CA LEU A 110 -16.14 -13.97 2.73
C LEU A 110 -15.50 -14.47 1.44
N ILE A 111 -15.71 -13.74 0.35
CA ILE A 111 -14.95 -13.93 -0.88
C ILE A 111 -14.19 -12.63 -1.13
N VAL A 112 -12.86 -12.73 -1.13
CA VAL A 112 -11.99 -11.61 -1.47
C VAL A 112 -11.64 -11.72 -2.95
N ILE A 113 -11.97 -10.69 -3.72
CA ILE A 113 -11.59 -10.62 -5.12
C ILE A 113 -10.33 -9.75 -5.17
N GLY A 114 -9.19 -10.40 -5.37
CA GLY A 114 -7.91 -9.71 -5.39
C GLY A 114 -6.99 -10.17 -4.28
N GLY A 115 -5.90 -10.81 -4.67
CA GLY A 115 -4.95 -11.34 -3.70
C GLY A 115 -3.75 -10.43 -3.51
N GLY A 116 -4.02 -9.16 -3.17
CA GLY A 116 -2.98 -8.19 -2.94
C GLY A 116 -2.80 -7.83 -1.48
N SER A 117 -2.15 -6.70 -1.26
CA SER A 117 -1.86 -6.26 0.11
C SER A 117 -3.11 -6.27 0.98
N GLY A 118 -4.14 -5.55 0.55
CA GLY A 118 -5.35 -5.46 1.35
C GLY A 118 -6.13 -6.76 1.37
N GLY A 119 -6.30 -7.39 0.20
CA GLY A 119 -7.13 -8.57 0.10
C GLY A 119 -6.60 -9.74 0.92
N LEU A 120 -5.29 -9.96 0.89
CA LEU A 120 -4.72 -11.05 1.69
C LEU A 120 -4.82 -10.74 3.17
N ALA A 121 -4.57 -9.48 3.54
CA ALA A 121 -4.67 -9.08 4.94
C ALA A 121 -6.10 -9.27 5.44
N ALA A 122 -7.09 -8.79 4.69
CA ALA A 122 -8.48 -8.96 5.07
C ALA A 122 -8.84 -10.43 5.19
N GLY A 123 -8.51 -11.22 4.17
CA GLY A 123 -8.90 -12.63 4.17
C GLY A 123 -8.29 -13.41 5.31
N LYS A 124 -7.01 -13.15 5.60
CA LYS A 124 -6.33 -13.82 6.71
C LYS A 124 -6.98 -13.46 8.04
N GLU A 125 -7.27 -12.18 8.24
CA GLU A 125 -7.86 -11.74 9.52
C GLU A 125 -9.29 -12.28 9.67
N ALA A 126 -10.04 -12.36 8.58
CA ALA A 126 -11.41 -12.87 8.67
C ALA A 126 -11.43 -14.33 9.09
N ALA A 127 -10.57 -15.15 8.51
CA ALA A 127 -10.53 -16.56 8.88
C ALA A 127 -10.14 -16.76 10.34
N LYS A 128 -9.41 -15.80 10.89
CA LYS A 128 -9.00 -15.86 12.29
C LYS A 128 -10.21 -15.96 13.23
N TYR A 129 -11.37 -15.45 12.78
CA TYR A 129 -12.58 -15.44 13.60
C TYR A 129 -13.65 -16.40 13.07
N GLY A 130 -13.25 -17.44 12.34
CA GLY A 130 -14.17 -18.47 11.93
C GLY A 130 -14.87 -18.24 10.60
N ALA A 131 -14.61 -17.12 9.94
CA ALA A 131 -15.23 -16.87 8.65
C ALA A 131 -14.62 -17.78 7.60
N LYS A 132 -15.47 -18.58 6.95
CA LYS A 132 -15.03 -19.40 5.81
C LYS A 132 -14.70 -18.48 4.64
N THR A 133 -13.43 -18.44 4.26
CA THR A 133 -12.93 -17.39 3.39
C THR A 133 -12.32 -17.98 2.12
N ALA A 134 -12.53 -17.30 1.00
CA ALA A 134 -11.90 -17.61 -0.26
C ALA A 134 -11.22 -16.37 -0.79
N VAL A 135 -9.98 -16.51 -1.23
CA VAL A 135 -9.22 -15.42 -1.84
C VAL A 135 -9.03 -15.76 -3.31
N LEU A 136 -9.50 -14.89 -4.19
CA LEU A 136 -9.31 -15.05 -5.62
C LEU A 136 -8.22 -14.08 -6.08
N ASP A 137 -7.26 -14.60 -6.85
CA ASP A 137 -6.23 -13.75 -7.43
C ASP A 137 -5.90 -14.22 -8.83
N TYR A 138 -5.81 -13.26 -9.74
CA TYR A 138 -5.40 -13.52 -11.11
C TYR A 138 -4.62 -12.29 -11.58
N VAL A 139 -3.53 -12.53 -12.29
CA VAL A 139 -2.66 -11.47 -12.75
C VAL A 139 -2.74 -11.46 -14.27
N GLU A 140 -3.50 -10.52 -14.82
CA GLU A 140 -3.60 -10.36 -16.26
C GLU A 140 -2.23 -10.00 -16.80
N PRO A 141 -1.67 -10.74 -17.76
CA PRO A 141 -0.32 -10.43 -18.22
C PRO A 141 -0.23 -9.04 -18.83
N THR A 142 0.97 -8.46 -18.76
CA THR A 142 1.24 -7.21 -19.43
C THR A 142 1.25 -7.44 -20.94
N PRO A 143 1.23 -6.37 -21.74
CA PRO A 143 1.26 -6.56 -23.20
C PRO A 143 2.36 -7.48 -23.69
N ILE A 144 3.56 -7.44 -23.09
CA ILE A 144 4.64 -8.33 -23.53
C ILE A 144 4.53 -9.71 -22.93
N GLY A 145 3.60 -9.94 -22.01
CA GLY A 145 3.38 -11.25 -21.43
C GLY A 145 3.90 -11.43 -20.02
N THR A 146 4.35 -10.37 -19.36
CA THR A 146 4.85 -10.49 -18.00
C THR A 146 3.70 -10.83 -17.05
N THR A 147 3.95 -11.78 -16.16
CA THR A 147 3.00 -12.14 -15.11
C THR A 147 3.79 -12.54 -13.87
N TRP A 148 3.07 -12.76 -12.77
CA TRP A 148 3.70 -13.03 -11.49
C TRP A 148 2.70 -13.72 -10.57
N GLY A 149 3.14 -14.04 -9.35
CA GLY A 149 2.40 -14.88 -8.43
C GLY A 149 1.63 -14.08 -7.40
N LEU A 150 1.20 -14.80 -6.35
CA LEU A 150 0.30 -14.25 -5.35
C LEU A 150 0.97 -13.15 -4.53
N GLY A 151 0.22 -12.09 -4.23
CA GLY A 151 0.70 -11.03 -3.35
C GLY A 151 0.34 -9.61 -3.74
N GLY A 152 -0.01 -9.37 -5.00
CA GLY A 152 -0.39 -8.04 -5.44
C GLY A 152 0.75 -7.22 -6.00
N THR A 153 0.48 -5.92 -6.16
CA THR A 153 1.41 -5.02 -6.84
C THR A 153 2.66 -4.76 -6.00
N CYS A 154 2.47 -4.42 -4.71
CA CYS A 154 3.59 -4.13 -3.84
C CYS A 154 4.60 -5.28 -3.83
N VAL A 155 4.11 -6.50 -3.58
CA VAL A 155 4.98 -7.66 -3.43
C VAL A 155 5.76 -7.91 -4.71
N ASN A 156 5.06 -7.88 -5.85
CA ASN A 156 5.61 -8.39 -7.10
C ASN A 156 6.20 -7.31 -8.00
N VAL A 157 5.54 -6.16 -8.12
CA VAL A 157 5.96 -5.16 -9.09
C VAL A 157 5.82 -3.76 -8.50
N GLY A 158 6.08 -3.63 -7.19
CA GLY A 158 5.99 -2.36 -6.52
C GLY A 158 7.02 -2.16 -5.43
N CYS A 159 6.55 -1.82 -4.23
CA CYS A 159 7.44 -1.46 -3.12
C CYS A 159 8.60 -2.43 -2.97
N ILE A 160 8.30 -3.73 -2.91
CA ILE A 160 9.29 -4.73 -2.54
C ILE A 160 10.41 -4.70 -3.56
N PRO A 161 10.19 -5.06 -4.83
CA PRO A 161 11.30 -4.97 -5.78
C PRO A 161 11.83 -3.56 -5.93
N LYS A 162 10.94 -2.57 -5.88
CA LYS A 162 11.36 -1.17 -5.99
C LYS A 162 12.40 -0.82 -4.94
N LYS A 163 12.12 -1.12 -3.68
CA LYS A 163 13.05 -0.73 -2.62
C LYS A 163 14.31 -1.59 -2.64
N LEU A 164 14.21 -2.84 -3.08
CA LEU A 164 15.42 -3.66 -3.21
C LEU A 164 16.34 -3.10 -4.28
N MET A 165 15.79 -2.67 -5.41
CA MET A 165 16.62 -2.06 -6.45
C MET A 165 17.12 -0.69 -6.01
N HIS A 166 16.29 0.06 -5.28
CA HIS A 166 16.74 1.26 -4.59
C HIS A 166 17.97 0.93 -3.74
N GLN A 167 17.88 -0.12 -2.92
CA GLN A 167 18.99 -0.52 -2.08
C GLN A 167 20.23 -0.81 -2.92
N ALA A 168 20.06 -1.54 -4.03
CA ALA A 168 21.18 -1.81 -4.91
C ALA A 168 21.81 -0.51 -5.42
N GLY A 169 20.97 0.49 -5.68
CA GLY A 169 21.49 1.78 -6.10
C GLY A 169 22.21 2.50 -4.97
N LEU A 170 21.65 2.45 -3.75
CA LEU A 170 22.31 3.07 -2.60
C LEU A 170 23.68 2.45 -2.37
N LEU A 171 23.81 1.13 -2.59
CA LEU A 171 25.10 0.49 -2.42
C LEU A 171 26.15 1.07 -3.35
N SER A 172 25.74 1.62 -4.49
CA SER A 172 26.69 2.32 -5.35
C SER A 172 27.42 3.41 -4.59
N HIS A 173 26.68 4.22 -3.84
CA HIS A 173 27.28 5.31 -3.09
C HIS A 173 28.00 4.80 -1.85
N ALA A 174 27.53 3.70 -1.26
CA ALA A 174 28.29 3.06 -0.21
C ALA A 174 29.65 2.61 -0.73
N LEU A 175 29.70 2.08 -1.95
CA LEU A 175 30.98 1.70 -2.55
C LEU A 175 31.88 2.91 -2.76
N GLU A 176 31.30 4.03 -3.19
CA GLU A 176 32.07 5.28 -3.31
C GLU A 176 32.54 5.76 -1.94
N ASP A 177 31.63 5.78 -0.95
CA ASP A 177 32.00 6.26 0.38
C ASP A 177 33.06 5.38 1.02
N ALA A 178 33.06 4.08 0.71
CA ALA A 178 33.96 3.15 1.39
C ALA A 178 35.42 3.59 1.27
N GLU A 179 35.81 4.20 0.15
CA GLU A 179 37.20 4.64 -0.01
C GLU A 179 37.57 5.68 1.03
N HIS A 180 36.75 6.72 1.16
CA HIS A 180 37.08 7.81 2.07
C HIS A 180 37.12 7.32 3.51
N PHE A 181 36.38 6.26 3.82
CA PHE A 181 36.40 5.67 5.16
C PHE A 181 37.52 4.65 5.33
N GLY A 182 38.37 4.48 4.32
CA GLY A 182 39.60 3.73 4.45
C GLY A 182 39.65 2.38 3.75
N TRP A 183 38.58 1.97 3.06
CA TRP A 183 38.56 0.65 2.44
C TRP A 183 39.33 0.67 1.14
N SER A 184 40.15 -0.36 0.93
CA SER A 184 41.03 -0.47 -0.25
C SER A 184 40.17 -0.90 -1.44
N LEU A 185 39.48 0.07 -2.01
CA LEU A 185 38.45 -0.20 -3.00
C LEU A 185 38.55 0.84 -4.11
N ASP A 186 38.53 0.38 -5.36
CA ASP A 186 38.50 1.26 -6.51
C ASP A 186 37.11 1.18 -7.14
N ARG A 187 36.24 2.11 -6.72
CA ARG A 187 34.88 2.16 -7.25
C ARG A 187 34.85 2.15 -8.77
N SER A 188 35.82 2.84 -9.40
CA SER A 188 35.80 2.99 -10.85
C SER A 188 36.01 1.66 -11.58
N LYS A 189 36.49 0.63 -10.89
CA LYS A 189 36.70 -0.68 -11.49
C LYS A 189 35.58 -1.66 -11.15
N ILE A 190 34.49 -1.18 -10.58
CA ILE A 190 33.38 -2.03 -10.16
C ILE A 190 32.19 -1.73 -11.06
N SER A 191 31.57 -2.79 -11.56
CA SER A 191 30.41 -2.70 -12.43
C SER A 191 29.25 -3.46 -11.79
N HIS A 192 28.06 -3.21 -12.28
CA HIS A 192 26.85 -3.85 -11.77
C HIS A 192 26.30 -4.82 -12.80
N ASN A 193 25.85 -5.98 -12.34
CA ASN A 193 25.22 -6.98 -13.20
C ASN A 193 23.72 -6.99 -12.91
N TRP A 194 22.95 -6.54 -13.90
CA TRP A 194 21.50 -6.42 -13.73
C TRP A 194 20.87 -7.78 -13.46
N SER A 195 21.19 -8.78 -14.28
CA SER A 195 20.52 -10.07 -14.18
CA SER A 195 20.50 -10.07 -14.16
C SER A 195 20.79 -10.74 -12.83
N THR A 196 21.99 -10.55 -12.27
CA THR A 196 22.26 -11.08 -10.93
C THR A 196 21.37 -10.44 -9.90
N MET A 197 21.16 -9.13 -10.00
CA MET A 197 20.27 -8.44 -9.06
C MET A 197 18.84 -8.92 -9.23
N VAL A 198 18.35 -8.98 -10.47
CA VAL A 198 16.98 -9.41 -10.71
C VAL A 198 16.77 -10.83 -10.20
N GLU A 199 17.77 -11.69 -10.35
CA GLU A 199 17.66 -13.05 -9.86
C GLU A 199 17.42 -13.06 -8.35
N GLY A 200 18.19 -12.28 -7.60
CA GLY A 200 18.00 -12.22 -6.16
C GLY A 200 16.67 -11.57 -5.78
N VAL A 201 16.28 -10.51 -6.48
CA VAL A 201 14.99 -9.87 -6.22
C VAL A 201 13.85 -10.84 -6.48
N GLN A 202 13.92 -11.56 -7.60
CA GLN A 202 12.84 -12.48 -7.94
C GLN A 202 12.84 -13.70 -7.02
N SER A 203 14.01 -14.09 -6.50
CA SER A 203 14.03 -15.16 -5.52
C SER A 203 13.30 -14.74 -4.25
N HIS A 204 13.50 -13.51 -3.79
CA HIS A 204 12.78 -13.06 -2.60
C HIS A 204 11.28 -12.95 -2.87
N ILE A 205 10.89 -12.41 -4.03
CA ILE A 205 9.47 -12.34 -4.37
C ILE A 205 8.87 -13.73 -4.39
N GLY A 206 9.59 -14.70 -4.98
CA GLY A 206 9.11 -16.07 -4.97
C GLY A 206 8.87 -16.59 -3.57
N SER A 207 9.78 -16.27 -2.64
CA SER A 207 9.58 -16.71 -1.26
C SER A 207 8.34 -16.06 -0.65
N LEU A 208 7.96 -14.86 -1.12
CA LEU A 208 6.73 -14.24 -0.64
C LEU A 208 5.50 -14.87 -1.30
N ASN A 209 5.52 -15.03 -2.63
CA ASN A 209 4.44 -15.77 -3.29
C ASN A 209 4.15 -17.07 -2.55
N TRP A 210 5.21 -17.80 -2.20
CA TRP A 210 5.05 -19.09 -1.53
C TRP A 210 4.57 -18.91 -0.09
N GLY A 211 5.20 -17.99 0.64
CA GLY A 211 4.78 -17.72 2.01
C GLY A 211 3.32 -17.36 2.12
N TYR A 212 2.77 -16.68 1.11
CA TYR A 212 1.35 -16.33 1.12
C TYR A 212 0.48 -17.57 0.90
N LYS A 213 0.83 -18.40 -0.09
CA LYS A 213 0.09 -19.65 -0.29
C LYS A 213 0.08 -20.47 0.99
N VAL A 214 1.24 -20.60 1.65
CA VAL A 214 1.34 -21.39 2.87
C VAL A 214 0.50 -20.76 3.97
N ALA A 215 0.56 -19.43 4.10
CA ALA A 215 -0.21 -18.74 5.14
C ALA A 215 -1.70 -18.99 4.97
N LEU A 216 -2.21 -18.89 3.74
CA LEU A 216 -3.63 -19.12 3.51
C LEU A 216 -4.02 -20.56 3.82
N ARG A 217 -3.17 -21.52 3.44
CA ARG A 217 -3.46 -22.92 3.75
C ARG A 217 -3.48 -23.14 5.27
N ASP A 218 -2.50 -22.58 5.98
CA ASP A 218 -2.42 -22.77 7.42
C ASP A 218 -3.64 -22.17 8.14
N ASN A 219 -4.28 -21.18 7.53
CA ASN A 219 -5.44 -20.54 8.12
C ASN A 219 -6.75 -21.01 7.49
N GLN A 220 -6.72 -22.15 6.80
CA GLN A 220 -7.93 -22.75 6.21
C GLN A 220 -8.61 -21.81 5.22
N VAL A 221 -7.85 -20.92 4.60
CA VAL A 221 -8.38 -20.04 3.55
C VAL A 221 -8.23 -20.74 2.21
N THR A 222 -9.30 -20.72 1.42
CA THR A 222 -9.25 -21.27 0.07
C THR A 222 -8.64 -20.25 -0.88
N TYR A 223 -7.58 -20.64 -1.57
CA TYR A 223 -6.93 -19.79 -2.57
C TYR A 223 -7.30 -20.32 -3.94
N LEU A 224 -7.86 -19.45 -4.78
CA LEU A 224 -8.24 -19.79 -6.14
C LEU A 224 -7.52 -18.83 -7.09
N ASN A 225 -6.65 -19.39 -7.93
CA ASN A 225 -5.96 -18.61 -8.96
C ASN A 225 -6.91 -18.55 -10.17
N ALA A 226 -7.88 -17.64 -10.08
CA ALA A 226 -8.93 -17.52 -11.06
C ALA A 226 -9.41 -16.09 -11.12
N LYS A 227 -9.83 -15.67 -12.31
CA LYS A 227 -10.39 -14.34 -12.50
C LYS A 227 -11.79 -14.30 -11.91
N GLY A 228 -12.01 -13.38 -10.97
CA GLY A 228 -13.29 -13.26 -10.31
C GLY A 228 -14.14 -12.16 -10.96
N ARG A 229 -15.44 -12.42 -11.02
CA ARG A 229 -16.38 -11.50 -11.62
C ARG A 229 -17.66 -11.53 -10.79
N LEU A 230 -18.00 -10.40 -10.17
CA LEU A 230 -19.17 -10.31 -9.31
C LEU A 230 -20.40 -10.09 -10.18
N ILE A 231 -21.28 -11.09 -10.24
CA ILE A 231 -22.46 -11.03 -11.11
C ILE A 231 -23.73 -10.69 -10.33
N SER A 232 -23.77 -10.97 -9.03
CA SER A 232 -24.84 -10.49 -8.17
C SER A 232 -24.23 -10.25 -6.78
N PRO A 233 -24.97 -9.57 -5.89
CA PRO A 233 -24.38 -9.23 -4.58
C PRO A 233 -23.63 -10.38 -3.92
N HIS A 234 -24.12 -11.61 -4.05
CA HIS A 234 -23.54 -12.75 -3.34
C HIS A 234 -22.94 -13.79 -4.26
N GLU A 235 -22.95 -13.59 -5.56
CA GLU A 235 -22.47 -14.58 -6.52
C GLU A 235 -21.24 -14.05 -7.24
N VAL A 236 -20.15 -14.82 -7.17
CA VAL A 236 -18.91 -14.52 -7.89
C VAL A 236 -18.69 -15.62 -8.93
N GLN A 237 -18.53 -15.20 -10.19
CA GLN A 237 -18.22 -16.10 -11.28
C GLN A 237 -16.71 -16.12 -11.50
N ILE A 238 -16.13 -17.32 -11.50
CA ILE A 238 -14.69 -17.49 -11.58
C ILE A 238 -14.33 -18.23 -12.87
N THR A 239 -13.27 -17.75 -13.52
CA THR A 239 -12.69 -18.42 -14.68
C THR A 239 -11.27 -18.83 -14.31
N ASP A 240 -10.98 -20.12 -14.42
CA ASP A 240 -9.69 -20.65 -13.99
C ASP A 240 -8.71 -20.65 -15.16
N LYS A 241 -7.52 -21.23 -14.92
CA LYS A 241 -6.51 -21.32 -15.97
C LYS A 241 -7.04 -22.05 -17.20
N ASN A 242 -7.87 -23.07 -16.98
CA ASN A 242 -8.41 -23.88 -18.07
C ASN A 242 -9.62 -23.25 -18.75
N GLN A 243 -9.86 -21.95 -18.55
CA GLN A 243 -11.03 -21.26 -19.08
C GLN A 243 -12.35 -21.82 -18.54
N LYS A 244 -12.29 -22.69 -17.54
CA LYS A 244 -13.50 -23.27 -16.97
C LYS A 244 -14.23 -22.23 -16.12
N VAL A 245 -15.54 -22.11 -16.35
CA VAL A 245 -16.36 -21.11 -15.67
C VAL A 245 -17.24 -21.80 -14.63
N SER A 246 -17.37 -21.18 -13.46
CA SER A 246 -18.20 -21.69 -12.39
C SER A 246 -18.59 -20.52 -11.50
N THR A 247 -19.45 -20.80 -10.52
CA THR A 247 -20.03 -19.79 -9.65
C THR A 247 -19.88 -20.22 -8.20
N ILE A 248 -19.37 -19.32 -7.36
CA ILE A 248 -19.33 -19.51 -5.92
C ILE A 248 -20.07 -18.34 -5.27
N THR A 249 -20.62 -18.60 -4.09
CA THR A 249 -21.39 -17.61 -3.36
C THR A 249 -20.72 -17.27 -2.04
N GLY A 250 -20.86 -16.02 -1.65
CA GLY A 250 -20.29 -15.55 -0.40
C GLY A 250 -21.23 -14.56 0.25
N ASN A 251 -21.18 -14.55 1.59
CA ASN A 251 -21.99 -13.59 2.34
C ASN A 251 -21.45 -12.18 2.16
N LYS A 252 -20.23 -11.94 2.63
CA LYS A 252 -19.55 -10.67 2.43
C LYS A 252 -18.58 -10.78 1.27
N ILE A 253 -18.45 -9.70 0.52
CA ILE A 253 -17.51 -9.60 -0.60
C ILE A 253 -16.60 -8.41 -0.33
N ILE A 254 -15.30 -8.62 -0.54
CA ILE A 254 -14.31 -7.55 -0.47
C ILE A 254 -13.66 -7.44 -1.83
N LEU A 255 -13.84 -6.28 -2.46
CA LEU A 255 -13.17 -5.96 -3.71
C LEU A 255 -11.81 -5.36 -3.39
N ALA A 256 -10.75 -6.01 -3.87
CA ALA A 256 -9.39 -5.58 -3.59
C ALA A 256 -8.51 -5.80 -4.81
N THR A 257 -9.00 -5.40 -5.98
CA THR A 257 -8.38 -5.73 -7.26
C THR A 257 -7.27 -4.78 -7.67
N GLY A 258 -7.06 -3.67 -6.95
CA GLY A 258 -5.96 -2.77 -7.25
C GLY A 258 -6.05 -2.14 -8.63
N GLU A 259 -4.91 -1.63 -9.09
CA GLU A 259 -4.81 -0.91 -10.36
C GLU A 259 -3.70 -1.50 -11.21
N ARG A 260 -3.59 -1.01 -12.43
CA ARG A 260 -2.50 -1.37 -13.32
C ARG A 260 -2.01 -0.12 -14.04
N PRO A 261 -0.80 -0.18 -14.61
CA PRO A 261 -0.23 1.04 -15.23
C PRO A 261 -1.00 1.48 -16.47
N LYS A 262 -1.11 2.80 -16.63
CA LYS A 262 -1.65 3.39 -17.85
C LYS A 262 -0.57 3.49 -18.92
N TYR A 263 -1.02 3.44 -20.19
CA TYR A 263 -0.18 3.78 -21.33
C TYR A 263 -0.69 5.06 -21.98
N PRO A 264 0.19 5.90 -22.51
CA PRO A 264 -0.28 7.03 -23.32
C PRO A 264 -0.78 6.55 -24.68
N GLU A 265 -1.76 7.26 -25.22
CA GLU A 265 -2.37 6.91 -26.49
C GLU A 265 -1.53 7.49 -27.64
N ILE A 266 -0.36 6.87 -27.84
CA ILE A 266 0.52 7.25 -28.94
C ILE A 266 1.00 5.98 -29.63
N PRO A 267 1.32 6.03 -30.92
CA PRO A 267 1.75 4.81 -31.61
C PRO A 267 3.07 4.30 -31.06
N GLY A 268 3.17 2.98 -30.91
CA GLY A 268 4.37 2.34 -30.44
C GLY A 268 4.47 2.17 -28.93
N ALA A 269 3.60 2.81 -28.15
CA ALA A 269 3.74 2.79 -26.70
C ALA A 269 3.52 1.39 -26.14
N VAL A 270 2.36 0.79 -26.42
CA VAL A 270 2.08 -0.55 -25.93
C VAL A 270 3.04 -1.55 -26.56
N GLU A 271 3.33 -1.38 -27.85
CA GLU A 271 4.10 -2.38 -28.58
C GLU A 271 5.55 -2.42 -28.12
N TYR A 272 6.16 -1.26 -27.87
CA TYR A 272 7.60 -1.15 -27.71
C TYR A 272 8.06 -0.63 -26.35
N GLY A 273 7.19 0.01 -25.59
CA GLY A 273 7.53 0.44 -24.26
C GLY A 273 7.19 -0.61 -23.21
N ILE A 274 7.60 -0.32 -21.98
CA ILE A 274 7.28 -1.16 -20.83
C ILE A 274 6.81 -0.25 -19.70
N THR A 275 6.32 -0.89 -18.64
CA THR A 275 5.98 -0.18 -17.42
C THR A 275 6.73 -0.83 -16.25
N SER A 276 6.45 -0.32 -15.05
CA SER A 276 6.98 -0.91 -13.83
C SER A 276 6.58 -2.37 -13.69
N ASP A 277 5.40 -2.75 -14.18
CA ASP A 277 5.00 -4.16 -14.14
C ASP A 277 6.03 -5.08 -14.78
N ASP A 278 6.75 -4.59 -15.79
CA ASP A 278 7.75 -5.37 -16.50
C ASP A 278 9.16 -5.14 -15.97
N LEU A 279 9.43 -3.98 -15.39
CA LEU A 279 10.80 -3.59 -15.09
C LEU A 279 11.46 -4.55 -14.12
N PHE A 280 10.74 -4.96 -13.07
CA PHE A 280 11.37 -5.62 -11.95
C PHE A 280 11.68 -7.08 -12.19
N SER A 281 11.20 -7.67 -13.29
CA SER A 281 11.63 -8.99 -13.73
C SER A 281 12.28 -8.96 -15.11
N LEU A 282 12.68 -7.78 -15.58
CA LEU A 282 13.21 -7.64 -16.93
C LEU A 282 14.42 -8.54 -17.11
N PRO A 283 14.39 -9.49 -18.04
CA PRO A 283 15.51 -10.43 -18.18
C PRO A 283 16.76 -9.83 -18.80
N TYR A 284 16.75 -8.55 -19.16
CA TYR A 284 17.90 -7.88 -19.75
C TYR A 284 18.04 -6.52 -19.10
N PHE A 285 19.28 -6.02 -19.03
CA PHE A 285 19.48 -4.68 -18.50
C PHE A 285 18.82 -3.67 -19.43
N PRO A 286 18.04 -2.72 -18.91
CA PRO A 286 17.37 -1.76 -19.81
C PRO A 286 18.33 -0.98 -20.69
N GLY A 287 19.54 -0.72 -20.22
CA GLY A 287 20.45 0.10 -20.99
C GLY A 287 20.05 1.56 -20.92
N LYS A 288 20.41 2.29 -21.97
CA LYS A 288 20.01 3.69 -22.06
C LYS A 288 18.50 3.77 -22.04
N THR A 289 17.96 4.41 -21.01
CA THR A 289 16.55 4.32 -20.68
C THR A 289 15.92 5.71 -20.66
N LEU A 290 14.71 5.79 -21.22
CA LEU A 290 13.86 6.95 -21.08
C LEU A 290 12.69 6.57 -20.18
N VAL A 291 12.51 7.33 -19.10
CA VAL A 291 11.34 7.21 -18.25
C VAL A 291 10.41 8.36 -18.61
N ILE A 292 9.20 8.05 -19.05
CA ILE A 292 8.19 9.04 -19.38
C ILE A 292 7.22 9.12 -18.21
N GLY A 293 7.17 10.29 -17.60
CA GLY A 293 6.39 10.50 -16.40
C GLY A 293 7.19 11.20 -15.32
N ALA A 294 6.46 11.62 -14.29
CA ALA A 294 7.04 12.43 -13.23
C ALA A 294 6.46 12.06 -11.87
N SER A 295 5.76 10.94 -11.76
CA SER A 295 5.26 10.45 -10.49
C SER A 295 6.41 9.92 -9.64
N TYR A 296 6.08 9.50 -8.42
CA TYR A 296 7.10 8.89 -7.57
C TYR A 296 7.60 7.59 -8.16
N VAL A 297 6.76 6.89 -8.93
CA VAL A 297 7.21 5.69 -9.64
C VAL A 297 8.27 6.05 -10.67
N ALA A 298 8.00 7.07 -11.48
CA ALA A 298 8.94 7.46 -12.52
C ALA A 298 10.29 7.84 -11.91
N LEU A 299 10.26 8.69 -10.87
CA LEU A 299 11.51 9.19 -10.31
C LEU A 299 12.25 8.11 -9.54
N GLU A 300 11.51 7.25 -8.83
CA GLU A 300 12.15 6.14 -8.14
C GLU A 300 12.84 5.20 -9.12
N CYS A 301 12.16 4.85 -10.21
CA CYS A 301 12.76 3.95 -11.19
C CYS A 301 13.93 4.62 -11.91
N ALA A 302 13.75 5.86 -12.36
CA ALA A 302 14.86 6.59 -12.94
C ALA A 302 16.02 6.67 -11.96
N GLY A 303 15.72 6.90 -10.68
CA GLY A 303 16.76 7.07 -9.68
C GLY A 303 17.65 5.85 -9.54
N PHE A 304 17.05 4.67 -9.35
CA PHE A 304 17.94 3.53 -9.11
C PHE A 304 18.62 3.06 -10.38
N LEU A 305 18.00 3.22 -11.55
CA LEU A 305 18.68 2.88 -12.80
C LEU A 305 19.95 3.69 -12.96
N ALA A 306 19.88 5.00 -12.66
CA ALA A 306 21.05 5.85 -12.78
C ALA A 306 22.13 5.41 -11.80
N SER A 307 21.75 5.15 -10.55
CA SER A 307 22.73 4.72 -9.54
C SER A 307 23.37 3.39 -9.90
N LEU A 308 22.68 2.55 -10.67
CA LEU A 308 23.29 1.32 -11.17
C LEU A 308 24.19 1.56 -12.38
N GLY A 309 24.39 2.82 -12.75
CA GLY A 309 25.27 3.16 -13.85
C GLY A 309 24.59 3.33 -15.19
N GLY A 310 23.26 3.33 -15.23
CA GLY A 310 22.55 3.46 -16.49
C GLY A 310 22.49 4.90 -16.97
N ASP A 311 22.39 5.04 -18.30
CA ASP A 311 22.16 6.32 -18.95
C ASP A 311 20.65 6.55 -18.95
N VAL A 312 20.18 7.44 -18.09
CA VAL A 312 18.75 7.57 -17.79
C VAL A 312 18.31 9.00 -18.06
N THR A 313 17.16 9.12 -18.72
CA THR A 313 16.52 10.40 -18.99
C THR A 313 15.06 10.31 -18.54
N VAL A 314 14.57 11.37 -17.93
CA VAL A 314 13.17 11.46 -17.49
C VAL A 314 12.51 12.57 -18.31
N MET A 315 11.43 12.21 -19.01
CA MET A 315 10.69 13.17 -19.83
C MET A 315 9.52 13.69 -19.01
N VAL A 316 9.54 14.99 -18.70
CA VAL A 316 8.63 15.58 -17.74
C VAL A 316 7.74 16.56 -18.49
N ARG A 317 6.48 16.30 -18.46
CA ARG A 317 5.53 17.13 -19.11
C ARG A 317 5.42 18.48 -18.46
N SER A 318 5.23 18.54 -17.16
CA SER A 318 5.12 19.77 -16.45
C SER A 318 5.82 19.95 -15.11
N ILE A 319 5.36 19.36 -14.03
CA ILE A 319 6.06 19.45 -12.80
C ILE A 319 6.32 18.06 -12.27
N LEU A 320 7.16 18.00 -11.27
CA LEU A 320 7.46 16.72 -10.63
C LEU A 320 6.52 16.48 -9.46
N LEU A 321 6.15 15.21 -9.27
CA LEU A 321 5.42 14.78 -8.09
C LEU A 321 4.21 15.67 -7.82
N ARG A 322 3.34 15.80 -8.82
CA ARG A 322 2.10 16.54 -8.64
C ARG A 322 1.34 15.99 -7.44
N GLY A 323 0.86 16.88 -6.59
CA GLY A 323 0.19 16.53 -5.37
C GLY A 323 1.08 16.50 -4.13
N PHE A 324 2.39 16.53 -4.32
CA PHE A 324 3.34 16.63 -3.22
C PHE A 324 3.79 18.08 -3.06
N ASP A 325 4.29 18.39 -1.87
CA ASP A 325 4.89 19.68 -1.63
C ASP A 325 5.91 19.99 -2.72
N GLN A 326 5.67 21.09 -3.45
CA GLN A 326 6.44 21.35 -4.65
C GLN A 326 7.84 21.89 -4.35
N GLN A 327 8.02 22.56 -3.20
CA GLN A 327 9.38 22.86 -2.78
C GLN A 327 10.19 21.58 -2.62
N MET A 328 9.63 20.59 -1.96
CA MET A 328 10.33 19.33 -1.74
C MET A 328 10.51 18.58 -3.06
N ALA A 329 9.50 18.60 -3.92
CA ALA A 329 9.61 17.93 -5.21
C ALA A 329 10.79 18.47 -6.01
N GLU A 330 10.94 19.80 -6.03
CA GLU A 330 12.06 20.41 -6.77
C GLU A 330 13.40 20.01 -6.16
N LYS A 331 13.49 19.96 -4.83
CA LYS A 331 14.74 19.53 -4.20
C LYS A 331 15.06 18.09 -4.58
N VAL A 332 14.03 17.23 -4.62
CA VAL A 332 14.21 15.85 -5.08
C VAL A 332 14.77 15.84 -6.49
N GLY A 333 14.11 16.57 -7.41
CA GLY A 333 14.55 16.57 -8.80
C GLY A 333 15.92 17.19 -8.98
N ASP A 334 16.18 18.31 -8.28
CA ASP A 334 17.49 18.93 -8.33
C ASP A 334 18.58 17.96 -7.91
N TYR A 335 18.35 17.18 -6.85
CA TYR A 335 19.36 16.22 -6.41
C TYR A 335 19.60 15.18 -7.51
N MET A 336 18.53 14.65 -8.10
CA MET A 336 18.69 13.65 -9.14
C MET A 336 19.43 14.22 -10.34
N GLU A 337 19.05 15.41 -10.77
CA GLU A 337 19.72 16.03 -11.92
C GLU A 337 21.19 16.28 -11.65
N ASN A 338 21.57 16.52 -10.39
CA ASN A 338 22.97 16.70 -10.02
C ASN A 338 23.69 15.38 -9.83
N HIS A 339 23.00 14.24 -9.89
CA HIS A 339 23.59 12.94 -9.64
C HIS A 339 23.26 11.95 -10.74
N GLY A 340 23.34 12.39 -11.99
CA GLY A 340 23.36 11.47 -13.11
C GLY A 340 22.06 11.29 -13.86
N VAL A 341 20.96 11.88 -13.41
CA VAL A 341 19.67 11.75 -14.10
C VAL A 341 19.48 12.97 -14.98
N LYS A 342 19.27 12.73 -16.27
CA LYS A 342 18.96 13.80 -17.21
C LYS A 342 17.45 13.99 -17.30
N PHE A 343 17.03 15.24 -17.53
CA PHE A 343 15.63 15.59 -17.57
C PHE A 343 15.32 16.31 -18.86
N ALA A 344 14.37 15.79 -19.62
CA ALA A 344 13.81 16.48 -20.78
C ALA A 344 12.56 17.20 -20.28
N LYS A 345 12.73 18.47 -19.91
CA LYS A 345 11.70 19.23 -19.22
C LYS A 345 10.72 19.85 -20.20
N LEU A 346 9.46 19.95 -19.77
CA LEU A 346 8.40 20.54 -20.58
C LEU A 346 8.34 19.85 -21.94
N CYS A 347 8.18 18.54 -21.89
CA CYS A 347 8.33 17.70 -23.07
C CYS A 347 7.36 16.53 -22.96
N VAL A 348 6.73 16.20 -24.09
CA VAL A 348 5.79 15.08 -24.15
C VAL A 348 6.15 14.19 -25.32
N PRO A 349 5.84 12.90 -25.26
CA PRO A 349 6.15 11.99 -26.39
C PRO A 349 5.05 11.99 -27.44
N ASP A 350 5.48 11.88 -28.71
CA ASP A 350 4.56 11.78 -29.82
C ASP A 350 4.45 10.38 -30.39
N GLU A 351 5.56 9.62 -30.44
CA GLU A 351 5.49 8.27 -30.98
C GLU A 351 6.76 7.52 -30.62
N ILE A 352 6.63 6.20 -30.53
CA ILE A 352 7.76 5.30 -30.29
C ILE A 352 7.93 4.44 -31.54
N LYS A 353 9.07 4.55 -32.19
CA LYS A 353 9.41 3.76 -33.36
C LYS A 353 10.47 2.74 -32.99
N GLN A 354 10.29 1.51 -33.46
CA GLN A 354 11.18 0.41 -33.11
C GLN A 354 12.37 0.37 -34.07
N LEU A 355 13.58 0.33 -33.51
CA LEU A 355 14.80 0.19 -34.30
C LEU A 355 15.48 -1.16 -34.14
N LYS A 356 15.32 -1.82 -32.99
CA LYS A 356 15.80 -3.18 -32.79
C LYS A 356 14.80 -3.93 -31.94
N VAL A 357 14.57 -5.18 -32.28
CA VAL A 357 13.72 -6.07 -31.49
C VAL A 357 14.50 -6.59 -30.29
N VAL A 358 13.79 -6.80 -29.18
CA VAL A 358 14.44 -7.30 -27.98
C VAL A 358 15.07 -8.65 -28.25
N ASP A 359 16.33 -8.81 -27.84
CA ASP A 359 17.10 -10.03 -28.08
C ASP A 359 16.81 -11.02 -26.97
N THR A 360 15.92 -11.98 -27.24
CA THR A 360 15.54 -12.95 -26.22
C THR A 360 16.69 -13.87 -25.84
N GLU A 361 17.56 -14.21 -26.80
CA GLU A 361 18.55 -15.26 -26.56
C GLU A 361 19.76 -14.74 -25.79
N ASN A 362 20.23 -13.53 -26.10
CA ASN A 362 21.40 -12.96 -25.43
C ASN A 362 21.02 -12.04 -24.29
N ASN A 363 19.74 -11.95 -23.93
CA ASN A 363 19.27 -10.99 -22.94
C ASN A 363 19.90 -9.63 -23.18
N LYS A 364 19.47 -8.96 -24.24
CA LYS A 364 19.85 -7.59 -24.50
C LYS A 364 18.61 -6.83 -24.92
N PRO A 365 18.53 -5.54 -24.58
CA PRO A 365 17.36 -4.76 -24.95
C PRO A 365 17.31 -4.55 -26.46
N GLY A 366 16.17 -4.07 -26.93
CA GLY A 366 16.08 -3.63 -28.30
C GLY A 366 16.65 -2.23 -28.45
N LEU A 367 16.02 -1.43 -29.31
CA LEU A 367 16.43 -0.06 -29.55
C LEU A 367 15.24 0.68 -30.11
N LEU A 368 14.98 1.88 -29.59
CA LEU A 368 13.78 2.62 -29.90
C LEU A 368 14.13 4.06 -30.25
N LEU A 369 13.38 4.61 -31.20
CA LEU A 369 13.43 6.04 -31.50
C LEU A 369 12.22 6.69 -30.87
N VAL A 370 12.46 7.62 -29.93
CA VAL A 370 11.39 8.37 -29.28
C VAL A 370 11.30 9.73 -29.95
N LYS A 371 10.13 10.05 -30.46
CA LYS A 371 9.84 11.37 -31.02
C LYS A 371 8.86 12.09 -30.11
N GLY A 372 9.11 13.38 -29.87
CA GLY A 372 8.27 14.18 -29.03
C GLY A 372 8.45 15.64 -29.36
N HIS A 373 7.97 16.50 -28.47
CA HIS A 373 8.10 17.94 -28.69
C HIS A 373 8.08 18.66 -27.36
N TYR A 374 8.88 19.72 -27.26
CA TYR A 374 8.90 20.60 -26.12
C TYR A 374 7.85 21.69 -26.26
N THR A 375 7.53 22.32 -25.14
CA THR A 375 6.60 23.45 -25.16
C THR A 375 7.12 24.61 -25.99
N ASP A 376 8.44 24.76 -26.09
CA ASP A 376 8.99 25.86 -26.89
C ASP A 376 8.99 25.55 -28.38
N GLY A 377 8.43 24.40 -28.79
CA GLY A 377 8.31 24.06 -30.19
C GLY A 377 9.46 23.25 -30.74
N LYS A 378 10.56 23.12 -30.00
CA LYS A 378 11.67 22.32 -30.47
C LYS A 378 11.30 20.84 -30.45
N LYS A 379 11.75 20.10 -31.45
CA LYS A 379 11.44 18.69 -31.56
C LYS A 379 12.37 17.87 -30.65
N PHE A 380 11.81 16.82 -30.09
CA PHE A 380 12.57 15.83 -29.34
C PHE A 380 12.70 14.59 -30.20
N GLU A 381 13.93 14.12 -30.39
CA GLU A 381 14.15 12.89 -31.15
C GLU A 381 15.45 12.28 -30.65
N GLU A 382 15.36 11.13 -29.99
CA GLU A 382 16.51 10.51 -29.39
C GLU A 382 16.29 9.01 -29.32
N GLU A 383 17.39 8.26 -29.37
CA GLU A 383 17.33 6.81 -29.32
C GLU A 383 17.51 6.33 -27.89
N PHE A 384 16.69 5.36 -27.51
CA PHE A 384 16.79 4.71 -26.22
C PHE A 384 16.63 3.21 -26.40
N GLU A 385 17.33 2.45 -25.55
CA GLU A 385 17.20 1.01 -25.59
C GLU A 385 15.93 0.54 -24.88
N THR A 386 15.51 1.25 -23.85
CA THR A 386 14.29 0.95 -23.12
C THR A 386 13.51 2.22 -22.87
N VAL A 387 12.20 2.15 -23.03
CA VAL A 387 11.30 3.26 -22.74
C VAL A 387 10.31 2.78 -21.69
N ILE A 388 10.28 3.44 -20.54
CA ILE A 388 9.40 3.09 -19.43
C ILE A 388 8.35 4.17 -19.29
N PHE A 389 7.08 3.77 -19.34
CA PHE A 389 5.97 4.67 -19.09
C PHE A 389 5.56 4.58 -17.63
N ALA A 390 5.55 5.73 -16.95
CA ALA A 390 5.08 5.83 -15.59
C ALA A 390 4.18 7.07 -15.54
N VAL A 391 3.03 6.96 -16.19
CA VAL A 391 2.13 8.09 -16.40
C VAL A 391 0.81 7.82 -15.69
N GLY A 392 0.87 7.14 -14.56
CA GLY A 392 -0.30 6.90 -13.74
C GLY A 392 -0.77 5.47 -13.81
N ARG A 393 -1.69 5.15 -12.89
CA ARG A 393 -2.30 3.83 -12.78
C ARG A 393 -3.80 4.00 -12.70
N GLU A 394 -4.52 2.93 -13.03
CA GLU A 394 -5.97 3.03 -13.11
C GLU A 394 -6.61 1.70 -12.73
N PRO A 395 -7.80 1.74 -12.14
CA PRO A 395 -8.53 0.49 -11.89
C PRO A 395 -9.13 -0.05 -13.17
N GLN A 396 -9.49 -1.32 -13.14
CA GLN A 396 -10.13 -1.97 -14.29
C GLN A 396 -11.30 -2.82 -13.79
N LEU A 397 -12.30 -2.14 -13.22
CA LEU A 397 -13.40 -2.83 -12.56
C LEU A 397 -14.47 -3.32 -13.53
N SER A 398 -14.54 -2.77 -14.74
CA SER A 398 -15.43 -3.34 -15.75
C SER A 398 -15.14 -4.82 -15.95
N LYS A 399 -13.89 -5.24 -15.78
CA LYS A 399 -13.48 -6.63 -15.88
C LYS A 399 -13.87 -7.44 -14.65
N VAL A 400 -14.49 -6.82 -13.65
CA VAL A 400 -14.71 -7.46 -12.35
C VAL A 400 -16.16 -7.27 -11.91
N LEU A 401 -16.74 -6.12 -12.24
CA LEU A 401 -18.08 -5.76 -11.80
C LEU A 401 -19.02 -5.74 -13.00
N CYS A 402 -20.02 -6.62 -12.98
CA CYS A 402 -21.15 -6.44 -13.86
C CYS A 402 -21.89 -5.16 -13.49
N GLU A 403 -22.12 -4.29 -14.47
CA GLU A 403 -22.80 -3.02 -14.23
C GLU A 403 -24.11 -3.22 -13.49
N THR A 404 -24.73 -4.40 -13.59
CA THR A 404 -26.05 -4.65 -13.04
C THR A 404 -26.06 -4.84 -11.53
N VAL A 405 -24.90 -5.03 -10.89
CA VAL A 405 -24.90 -5.34 -9.47
C VAL A 405 -25.20 -4.11 -8.64
N GLY A 406 -24.84 -2.92 -9.12
CA GLY A 406 -25.15 -1.69 -8.43
C GLY A 406 -24.03 -1.12 -7.58
N VAL A 407 -22.78 -1.42 -7.89
CA VAL A 407 -21.65 -0.86 -7.17
C VAL A 407 -21.28 0.46 -7.85
N LYS A 408 -21.51 1.57 -7.15
CA LYS A 408 -21.27 2.89 -7.69
C LYS A 408 -19.77 3.15 -7.85
N LEU A 409 -19.36 3.51 -9.07
CA LEU A 409 -18.00 3.96 -9.35
C LEU A 409 -18.02 5.46 -9.64
N ASP A 410 -16.87 6.09 -9.43
CA ASP A 410 -16.74 7.51 -9.71
C ASP A 410 -16.23 7.70 -11.13
N LYS A 411 -15.97 8.96 -11.50
CA LYS A 411 -15.56 9.25 -12.88
C LYS A 411 -14.26 8.55 -13.23
N ASN A 412 -13.37 8.35 -12.27
CA ASN A 412 -12.10 7.69 -12.50
C ASN A 412 -12.19 6.16 -12.46
N GLY A 413 -13.38 5.61 -12.24
CA GLY A 413 -13.54 4.17 -12.19
C GLY A 413 -13.25 3.55 -10.84
N ARG A 414 -13.12 4.35 -9.78
CA ARG A 414 -12.88 3.83 -8.45
C ARG A 414 -14.19 3.73 -7.68
N VAL A 415 -14.18 2.88 -6.65
CA VAL A 415 -15.40 2.54 -5.94
C VAL A 415 -15.69 3.60 -4.89
N VAL A 416 -16.93 4.10 -4.88
CA VAL A 416 -17.35 5.12 -3.93
C VAL A 416 -17.83 4.41 -2.67
N CYS A 417 -17.17 4.69 -1.56
CA CYS A 417 -17.35 3.94 -0.33
C CYS A 417 -17.67 4.87 0.84
N THR A 418 -18.36 4.31 1.83
CA THR A 418 -18.52 4.96 3.11
C THR A 418 -17.22 4.89 3.90
N ASP A 419 -17.21 5.56 5.05
CA ASP A 419 -16.00 5.55 5.87
C ASP A 419 -15.75 4.20 6.55
N ASP A 420 -16.62 3.20 6.33
CA ASP A 420 -16.33 1.84 6.75
C ASP A 420 -16.16 0.90 5.54
N GLU A 421 -15.78 1.46 4.40
CA GLU A 421 -15.40 0.72 3.20
C GLU A 421 -16.59 0.06 2.49
N GLN A 422 -17.81 0.34 2.92
CA GLN A 422 -18.99 -0.24 2.31
C GLN A 422 -19.30 0.43 0.98
N THR A 423 -19.62 -0.37 -0.03
CA THR A 423 -20.05 0.14 -1.32
C THR A 423 -21.55 0.43 -1.29
N THR A 424 -22.11 0.77 -2.44
CA THR A 424 -23.56 0.94 -2.54
C THR A 424 -24.31 -0.39 -2.52
N VAL A 425 -23.59 -1.52 -2.49
CA VAL A 425 -24.20 -2.82 -2.23
C VAL A 425 -23.73 -3.24 -0.84
N SER A 426 -24.70 -3.46 0.05
CA SER A 426 -24.42 -3.41 1.48
C SER A 426 -23.52 -4.54 1.97
N ASN A 427 -23.47 -5.68 1.27
CA ASN A 427 -22.57 -6.77 1.66
C ASN A 427 -21.23 -6.72 0.94
N VAL A 428 -21.01 -5.71 0.09
CA VAL A 428 -19.81 -5.60 -0.74
C VAL A 428 -19.02 -4.39 -0.26
N TYR A 429 -17.72 -4.61 -0.03
CA TYR A 429 -16.82 -3.58 0.45
C TYR A 429 -15.66 -3.45 -0.53
N ALA A 430 -14.96 -2.31 -0.46
CA ALA A 430 -13.78 -2.08 -1.28
C ALA A 430 -12.67 -1.51 -0.41
N ILE A 431 -11.46 -2.03 -0.60
CA ILE A 431 -10.29 -1.59 0.14
C ILE A 431 -9.16 -1.38 -0.85
N GLY A 432 -8.13 -0.67 -0.39
CA GLY A 432 -6.94 -0.50 -1.22
C GLY A 432 -7.12 0.59 -2.28
N ASP A 433 -6.34 0.44 -3.36
CA ASP A 433 -6.23 1.51 -4.34
C ASP A 433 -7.54 1.81 -5.05
N ILE A 434 -8.45 0.84 -5.14
CA ILE A 434 -9.71 1.08 -5.85
C ILE A 434 -10.72 1.84 -5.01
N ASN A 435 -10.42 2.11 -3.74
CA ASN A 435 -11.33 2.84 -2.86
C ASN A 435 -11.15 4.33 -3.13
N ALA A 436 -12.14 4.95 -3.76
CA ALA A 436 -12.05 6.34 -4.19
C ALA A 436 -11.66 7.26 -3.04
N GLY A 437 -10.67 8.11 -3.29
CA GLY A 437 -10.31 9.16 -2.37
C GLY A 437 -9.29 8.80 -1.30
N LYS A 438 -8.89 7.56 -1.22
CA LYS A 438 -7.99 7.17 -0.16
C LYS A 438 -6.53 7.19 -0.62
N PRO A 439 -5.60 7.43 0.29
CA PRO A 439 -4.17 7.27 -0.06
C PRO A 439 -3.91 5.86 -0.58
N GLN A 440 -3.20 5.78 -1.71
CA GLN A 440 -2.98 4.51 -2.40
C GLN A 440 -1.66 3.92 -1.94
N LEU A 441 -1.68 3.30 -0.77
CA LEU A 441 -0.48 2.80 -0.12
C LEU A 441 -0.75 1.42 0.48
N THR A 442 0.28 0.58 0.49
CA THR A 442 0.15 -0.78 0.99
C THR A 442 -0.27 -0.85 2.46
N PRO A 443 0.33 -0.09 3.38
CA PRO A 443 -0.10 -0.20 4.78
C PRO A 443 -1.50 0.33 5.02
N VAL A 444 -1.99 1.25 4.19
CA VAL A 444 -3.38 1.66 4.27
C VAL A 444 -4.29 0.50 3.91
N ALA A 445 -4.02 -0.16 2.78
CA ALA A 445 -4.82 -1.29 2.36
C ALA A 445 -4.82 -2.39 3.40
N ILE A 446 -3.67 -2.66 4.01
CA ILE A 446 -3.59 -3.69 5.04
C ILE A 446 -4.43 -3.31 6.24
N GLN A 447 -4.26 -2.09 6.75
CA GLN A 447 -5.03 -1.66 7.91
C GLN A 447 -6.52 -1.66 7.59
N ALA A 448 -6.90 -1.15 6.42
CA ALA A 448 -8.31 -1.15 6.02
C ALA A 448 -8.86 -2.58 6.00
N GLY A 449 -8.14 -3.49 5.35
CA GLY A 449 -8.64 -4.85 5.23
C GLY A 449 -8.74 -5.56 6.56
N ARG A 450 -7.72 -5.42 7.41
CA ARG A 450 -7.74 -6.09 8.71
C ARG A 450 -8.83 -5.52 9.60
N TYR A 451 -8.96 -4.19 9.65
CA TYR A 451 -9.97 -3.58 10.50
C TYR A 451 -11.37 -3.88 10.00
N LEU A 452 -11.57 -3.89 8.68
CA LEU A 452 -12.84 -4.29 8.12
C LEU A 452 -13.18 -5.73 8.52
N ALA A 453 -12.22 -6.63 8.38
CA ALA A 453 -12.48 -8.02 8.75
C ALA A 453 -12.91 -8.15 10.20
N ARG A 454 -12.37 -7.31 11.08
CA ARG A 454 -12.74 -7.36 12.49
C ARG A 454 -14.15 -6.84 12.70
N ARG A 455 -14.54 -5.80 11.96
CA ARG A 455 -15.89 -5.29 12.08
C ARG A 455 -16.91 -6.30 11.55
N LEU A 456 -16.60 -6.97 10.45
CA LEU A 456 -17.56 -7.91 9.87
C LEU A 456 -17.78 -9.12 10.77
N PHE A 457 -16.70 -9.66 11.34
CA PHE A 457 -16.75 -10.99 11.93
C PHE A 457 -16.37 -11.06 13.39
N ALA A 458 -16.02 -9.94 14.03
CA ALA A 458 -15.65 -9.94 15.44
C ALA A 458 -16.32 -8.81 16.22
N GLY A 459 -17.25 -8.08 15.61
CA GLY A 459 -17.98 -7.05 16.32
C GLY A 459 -17.20 -5.77 16.58
N ALA A 460 -16.00 -5.64 16.03
CA ALA A 460 -15.24 -4.42 16.23
C ALA A 460 -15.96 -3.22 15.64
N THR A 461 -15.63 -2.04 16.14
CA THR A 461 -16.14 -0.78 15.61
C THR A 461 -15.06 0.14 15.09
N GLU A 462 -13.79 -0.18 15.34
CA GLU A 462 -12.69 0.68 14.95
C GLU A 462 -12.65 0.84 13.43
N LEU A 463 -12.73 2.09 12.97
CA LEU A 463 -12.56 2.44 11.57
C LEU A 463 -11.10 2.76 11.29
N THR A 464 -10.73 2.67 10.01
CA THR A 464 -9.41 3.09 9.55
C THR A 464 -9.37 4.62 9.47
N ASP A 465 -8.31 5.21 9.99
CA ASP A 465 -8.12 6.65 9.95
C ASP A 465 -7.21 6.96 8.77
N TYR A 466 -7.76 7.58 7.73
CA TYR A 466 -7.04 7.88 6.51
C TYR A 466 -6.37 9.26 6.52
N SER A 467 -6.39 9.96 7.65
CA SER A 467 -5.85 11.31 7.72
C SER A 467 -4.39 11.29 8.16
N ASN A 468 -3.60 12.20 7.57
CA ASN A 468 -2.19 12.36 7.95
C ASN A 468 -1.41 11.06 7.83
N VAL A 469 -1.67 10.30 6.76
CA VAL A 469 -0.92 9.08 6.49
C VAL A 469 0.44 9.46 5.93
N ALA A 470 1.50 9.02 6.59
CA ALA A 470 2.85 9.36 6.17
C ALA A 470 3.24 8.62 4.89
N THR A 471 4.14 9.24 4.13
CA THR A 471 4.61 8.68 2.88
C THR A 471 6.14 8.80 2.83
N THR A 472 6.75 8.00 1.97
CA THR A 472 8.15 8.17 1.63
C THR A 472 8.35 7.83 0.17
N VAL A 473 9.01 8.74 -0.54
CA VAL A 473 9.41 8.53 -1.93
C VAL A 473 10.87 8.11 -1.91
N PHE A 474 11.14 6.91 -2.42
CA PHE A 474 12.48 6.33 -2.33
C PHE A 474 13.30 6.68 -3.57
N THR A 475 13.42 7.98 -3.79
CA THR A 475 14.31 8.52 -4.80
C THR A 475 15.74 8.44 -4.27
N PRO A 476 16.74 8.70 -5.13
CA PRO A 476 18.14 8.59 -4.67
C PRO A 476 18.38 9.31 -3.35
N LEU A 477 17.87 10.52 -3.20
CA LEU A 477 17.71 11.14 -1.90
C LEU A 477 16.24 11.03 -1.50
N GLU A 478 15.97 10.32 -0.42
CA GLU A 478 14.61 9.98 -0.03
C GLU A 478 13.87 11.18 0.53
N TYR A 479 12.55 11.17 0.35
CA TYR A 479 11.68 12.24 0.78
C TYR A 479 10.52 11.65 1.55
N GLY A 480 10.50 11.88 2.86
CA GLY A 480 9.39 11.48 3.71
C GLY A 480 8.52 12.66 4.05
N ALA A 481 7.23 12.40 4.22
CA ALA A 481 6.27 13.45 4.48
C ALA A 481 5.13 12.89 5.32
N CYS A 482 4.58 13.74 6.18
CA CYS A 482 3.38 13.41 6.93
C CYS A 482 2.56 14.67 7.09
N GLY A 483 1.33 14.66 6.57
CA GLY A 483 0.43 15.78 6.70
C GLY A 483 0.41 16.67 5.49
N LEU A 484 0.11 17.95 5.70
CA LEU A 484 -0.10 18.86 4.58
C LEU A 484 1.22 19.34 3.98
N SER A 485 1.21 19.53 2.67
CA SER A 485 2.23 20.33 2.05
C SER A 485 2.08 21.78 2.48
N GLU A 486 3.16 22.53 2.32
CA GLU A 486 3.14 23.95 2.66
C GLU A 486 2.06 24.70 1.87
N GLU A 487 1.95 24.43 0.57
CA GLU A 487 1.00 25.20 -0.23
C GLU A 487 -0.43 24.87 0.15
N ASP A 488 -0.71 23.61 0.48
CA ASP A 488 -2.07 23.23 0.88
C ASP A 488 -2.44 23.86 2.21
N ALA A 489 -1.48 23.95 3.14
CA ALA A 489 -1.76 24.59 4.42
C ALA A 489 -2.08 26.06 4.25
N ILE A 490 -1.29 26.76 3.41
CA ILE A 490 -1.57 28.16 3.13
C ILE A 490 -2.92 28.31 2.44
N GLU A 491 -3.20 27.44 1.47
CA GLU A 491 -4.51 27.46 0.82
C GLU A 491 -5.63 27.32 1.84
N LYS A 492 -5.47 26.40 2.79
CA LYS A 492 -6.55 26.05 3.69
C LYS A 492 -6.76 27.08 4.80
N TYR A 493 -5.68 27.69 5.30
CA TYR A 493 -5.77 28.56 6.47
C TYR A 493 -5.29 29.98 6.23
N GLY A 494 -4.69 30.28 5.08
CA GLY A 494 -4.18 31.61 4.81
C GLY A 494 -2.74 31.76 5.22
N ASP A 495 -1.98 32.48 4.40
CA ASP A 495 -0.54 32.62 4.64
C ASP A 495 -0.26 33.21 6.02
N LYS A 496 -1.10 34.13 6.48
CA LYS A 496 -0.82 34.79 7.74
C LYS A 496 -0.92 33.85 8.94
N ASP A 497 -1.66 32.75 8.81
CA ASP A 497 -1.83 31.82 9.91
C ASP A 497 -0.87 30.63 9.85
N ILE A 498 0.12 30.65 8.95
CA ILE A 498 1.03 29.53 8.77
C ILE A 498 2.44 30.00 9.09
N GLU A 499 3.10 29.27 9.98
CA GLU A 499 4.52 29.44 10.27
C GLU A 499 5.25 28.18 9.81
N VAL A 500 6.39 28.36 9.15
CA VAL A 500 7.18 27.26 8.65
C VAL A 500 8.57 27.35 9.23
N TYR A 501 8.93 26.36 10.05
CA TYR A 501 10.29 26.21 10.55
C TYR A 501 11.03 25.24 9.65
N HIS A 502 12.28 25.55 9.34
CA HIS A 502 13.01 24.71 8.41
C HIS A 502 14.50 24.79 8.71
N SER A 503 15.22 23.79 8.22
CA SER A 503 16.67 23.78 8.32
C SER A 503 17.24 22.82 7.30
N ASN A 504 18.33 23.23 6.67
CA ASN A 504 19.20 22.27 6.03
C ASN A 504 19.92 21.45 7.10
N PHE A 505 20.48 20.33 6.67
CA PHE A 505 21.33 19.53 7.55
C PHE A 505 22.21 18.66 6.68
N LYS A 506 23.25 18.10 7.31
CA LYS A 506 24.20 17.23 6.63
C LYS A 506 24.33 15.95 7.45
N PRO A 507 24.00 14.78 6.91
CA PRO A 507 24.26 13.55 7.66
C PRO A 507 25.73 13.47 8.04
N LEU A 508 25.99 13.05 9.29
CA LEU A 508 27.37 12.82 9.71
C LEU A 508 28.07 11.89 8.74
N GLU A 509 27.33 10.91 8.19
CA GLU A 509 27.91 9.94 7.27
C GLU A 509 28.47 10.61 6.03
N TRP A 510 27.93 11.77 5.65
CA TRP A 510 28.32 12.49 4.44
C TRP A 510 29.57 13.33 4.61
N THR A 511 30.04 13.55 5.84
CA THR A 511 31.17 14.46 6.05
C THR A 511 32.46 13.85 5.52
N VAL A 512 32.90 12.75 6.12
CA VAL A 512 34.12 12.10 5.65
C VAL A 512 33.97 11.69 4.19
N ALA A 513 32.76 11.41 3.74
CA ALA A 513 32.50 10.99 2.37
C ALA A 513 32.54 12.14 1.37
N HIS A 514 32.69 13.38 1.83
CA HIS A 514 32.78 14.54 0.94
C HIS A 514 31.52 14.70 0.09
N ARG A 515 30.36 14.52 0.71
CA ARG A 515 29.10 14.79 0.05
C ARG A 515 28.63 16.19 0.43
N GLU A 516 27.40 16.54 0.05
CA GLU A 516 27.01 17.94 -0.05
C GLU A 516 26.55 18.51 1.28
N ASP A 517 27.04 19.70 1.61
CA ASP A 517 26.37 20.55 2.58
C ASP A 517 25.03 21.03 2.01
N ASN A 518 24.10 21.33 2.91
CA ASN A 518 22.93 22.15 2.59
C ASN A 518 22.14 21.62 1.39
N VAL A 519 22.01 20.30 1.30
CA VAL A 519 21.10 19.66 0.36
C VAL A 519 19.96 18.95 1.10
N CYS A 520 20.29 18.08 2.05
CA CYS A 520 19.27 17.55 2.94
C CYS A 520 18.55 18.69 3.64
N TYR A 521 17.26 18.50 3.89
CA TYR A 521 16.41 19.63 4.26
C TYR A 521 15.17 19.09 4.96
N MET A 522 14.68 19.84 5.94
CA MET A 522 13.46 19.45 6.63
C MET A 522 12.70 20.70 7.03
N LYS A 523 11.38 20.55 7.14
CA LYS A 523 10.56 21.69 7.56
C LYS A 523 9.33 21.18 8.30
N LEU A 524 8.86 22.01 9.22
CA LEU A 524 7.59 21.81 9.91
C LEU A 524 6.65 22.94 9.52
N VAL A 525 5.52 22.59 8.94
CA VAL A 525 4.49 23.54 8.56
C VAL A 525 3.48 23.60 9.70
N CYS A 526 3.35 24.76 10.34
CA CYS A 526 2.58 24.89 11.57
C CYS A 526 1.51 25.96 11.45
N ARG A 527 0.46 25.82 12.26
CA ARG A 527 -0.66 26.76 12.29
C ARG A 527 -0.55 27.66 13.52
N LYS A 528 -0.31 28.96 13.29
CA LYS A 528 -0.11 29.90 14.38
C LYS A 528 -1.29 29.89 15.36
N SER A 529 -2.52 29.95 14.83
CA SER A 529 -3.70 30.12 15.68
C SER A 529 -4.09 28.86 16.44
N ASP A 530 -3.50 27.70 16.12
CA ASP A 530 -3.82 26.48 16.84
C ASP A 530 -2.62 26.01 17.66
N ASN A 531 -2.03 26.93 18.43
CA ASN A 531 -0.90 26.62 19.30
C ASN A 531 0.28 26.05 18.51
N MET A 532 0.46 26.55 17.29
CA MET A 532 1.56 26.13 16.42
C MET A 532 1.50 24.62 16.16
N ARG A 533 0.28 24.13 15.96
CA ARG A 533 0.04 22.73 15.59
C ARG A 533 0.83 22.37 14.34
N VAL A 534 1.47 21.21 14.36
CA VAL A 534 2.23 20.74 13.21
C VAL A 534 1.23 20.17 12.20
N LEU A 535 1.02 20.90 11.11
CA LEU A 535 0.13 20.46 10.05
C LEU A 535 0.83 19.53 9.06
N GLY A 536 2.13 19.69 8.89
CA GLY A 536 2.87 18.89 7.94
C GLY A 536 4.34 18.83 8.25
N LEU A 537 4.92 17.65 8.09
CA LEU A 537 6.34 17.41 8.32
C LEU A 537 6.96 16.92 7.02
N HIS A 538 8.13 17.45 6.67
CA HIS A 538 8.78 17.11 5.42
C HIS A 538 10.28 16.98 5.65
N VAL A 539 10.86 15.87 5.17
CA VAL A 539 12.30 15.65 5.32
C VAL A 539 12.85 15.06 4.04
N LEU A 540 13.91 15.67 3.54
CA LEU A 540 14.67 15.15 2.41
C LEU A 540 16.03 14.72 2.95
N GLY A 541 16.33 13.42 2.84
CA GLY A 541 17.59 12.90 3.33
C GLY A 541 17.60 11.39 3.43
N PRO A 542 18.72 10.84 3.88
CA PRO A 542 18.83 9.37 3.96
C PRO A 542 17.86 8.79 4.97
N ASN A 543 17.37 7.60 4.68
CA ASN A 543 16.52 6.85 5.61
C ASN A 543 15.29 7.67 6.01
N ALA A 544 14.78 8.46 5.06
CA ALA A 544 13.68 9.37 5.37
C ALA A 544 12.44 8.63 5.84
N GLY A 545 12.23 7.40 5.38
CA GLY A 545 11.12 6.62 5.88
C GLY A 545 11.27 6.29 7.35
N GLU A 546 12.47 5.87 7.76
CA GLU A 546 12.70 5.60 9.17
C GLU A 546 12.56 6.86 10.00
N ILE A 547 13.11 7.97 9.53
CA ILE A 547 12.95 9.25 10.23
C ILE A 547 11.47 9.57 10.42
N THR A 548 10.70 9.52 9.35
CA THR A 548 9.36 10.10 9.35
C THR A 548 8.37 9.30 10.17
N GLN A 549 8.52 7.97 10.18
CA GLN A 549 7.48 7.10 10.76
C GLN A 549 7.07 7.54 12.15
N GLY A 550 8.04 7.64 13.07
CA GLY A 550 7.70 7.90 14.46
C GLY A 550 6.96 9.20 14.64
N TYR A 551 7.34 10.23 13.88
CA TYR A 551 6.64 11.51 13.98
C TYR A 551 5.19 11.42 13.54
N ALA A 552 4.85 10.41 12.74
CA ALA A 552 3.46 10.25 12.32
C ALA A 552 2.55 9.95 13.51
N VAL A 553 3.09 9.25 14.51
CA VAL A 553 2.32 9.00 15.73
C VAL A 553 2.06 10.31 16.46
N ALA A 554 3.08 11.13 16.59
CA ALA A 554 2.94 12.39 17.31
C ALA A 554 1.98 13.33 16.59
N ILE A 555 2.05 13.35 15.26
CA ILE A 555 1.12 14.19 14.49
C ILE A 555 -0.30 13.68 14.65
N LYS A 556 -0.48 12.36 14.64
CA LYS A 556 -1.79 11.77 14.89
C LYS A 556 -2.36 12.26 16.22
N MET A 557 -1.49 12.42 17.21
CA MET A 557 -1.87 12.89 18.54
C MET A 557 -2.00 14.41 18.63
N GLY A 558 -1.77 15.13 17.53
CA GLY A 558 -1.87 16.58 17.60
C GLY A 558 -0.62 17.28 18.09
N ALA A 559 0.55 16.85 17.65
CA ALA A 559 1.79 17.48 18.08
C ALA A 559 1.82 18.95 17.66
N THR A 560 2.30 19.79 18.57
CA THR A 560 2.63 21.17 18.31
C THR A 560 4.14 21.31 18.13
N LYS A 561 4.57 22.52 17.76
CA LYS A 561 5.99 22.80 17.72
C LYS A 561 6.61 22.65 19.12
N ALA A 562 5.88 23.03 20.16
CA ALA A 562 6.39 22.90 21.52
C ALA A 562 6.66 21.44 21.87
N ASP A 563 5.85 20.51 21.34
CA ASP A 563 6.09 19.10 21.58
C ASP A 563 7.41 18.65 20.96
N PHE A 564 7.70 19.13 19.74
CA PHE A 564 8.99 18.82 19.12
C PHE A 564 10.14 19.42 19.91
N ASP A 565 9.97 20.64 20.42
CA ASP A 565 11.07 21.34 21.06
C ASP A 565 11.45 20.71 22.40
N ARG A 566 10.47 20.36 23.22
CA ARG A 566 10.77 19.82 24.53
C ARG A 566 11.26 18.37 24.47
N THR A 567 11.14 17.72 23.32
CA THR A 567 11.76 16.40 23.13
C THR A 567 13.24 16.56 22.87
N ILE A 568 14.04 15.67 23.47
CA ILE A 568 15.49 15.73 23.36
C ILE A 568 15.94 14.90 22.17
N GLY A 569 16.97 15.38 21.49
CA GLY A 569 17.46 14.68 20.33
C GLY A 569 18.29 13.46 20.69
N ILE A 570 18.38 12.53 19.74
CA ILE A 570 19.34 11.43 19.75
C ILE A 570 20.49 11.86 18.86
N HIS A 571 21.70 11.83 19.39
CA HIS A 571 22.85 12.32 18.65
C HIS A 571 23.86 11.19 18.46
N PRO A 572 24.47 11.08 17.26
CA PRO A 572 24.21 11.81 16.02
C PRO A 572 23.23 11.08 15.11
N THR A 573 22.14 11.76 14.76
CA THR A 573 21.17 11.27 13.79
C THR A 573 20.78 12.43 12.90
N CYS A 574 20.16 12.09 11.77
CA CYS A 574 19.51 13.13 10.97
C CYS A 574 18.22 13.59 11.64
N SER A 575 17.48 12.66 12.25
CA SER A 575 16.15 12.95 12.74
C SER A 575 16.16 13.96 13.89
N GLU A 576 17.25 14.06 14.65
CA GLU A 576 17.28 14.96 15.80
C GLU A 576 17.10 16.42 15.40
N THR A 577 17.42 16.77 14.16
CA THR A 577 17.29 18.17 13.74
C THR A 577 15.85 18.66 13.88
N PHE A 578 14.87 17.75 13.81
CA PHE A 578 13.49 18.15 14.01
C PHE A 578 13.22 18.67 15.42
N THR A 579 14.08 18.36 16.39
CA THR A 579 13.86 18.78 17.77
C THR A 579 14.52 20.12 18.10
N THR A 580 15.23 20.74 17.14
CA THR A 580 15.91 22.01 17.40
C THR A 580 15.64 23.04 16.31
N LEU A 581 14.58 22.88 15.52
CA LEU A 581 14.29 23.84 14.46
C LEU A 581 13.92 25.19 15.07
N HIS A 582 14.47 26.26 14.49
CA HIS A 582 14.17 27.62 14.98
C HIS A 582 14.08 28.68 13.90
N VAL A 583 14.63 28.47 12.71
CA VAL A 583 14.56 29.45 11.63
C VAL A 583 13.18 29.35 10.98
N THR A 584 12.45 30.46 10.94
CA THR A 584 11.18 30.52 10.24
C THR A 584 11.36 31.07 8.84
N LYS A 585 10.43 30.70 7.95
CA LYS A 585 10.46 31.26 6.61
C LYS A 585 10.12 32.74 6.62
N LYS A 586 9.18 33.14 7.48
CA LYS A 586 8.82 34.56 7.57
C LYS A 586 10.04 35.42 7.87
N SER A 587 10.97 34.91 8.67
CA SER A 587 12.12 35.70 9.10
C SER A 587 13.08 36.00 7.95
N GLY A 588 12.96 35.29 6.84
CA GLY A 588 13.92 35.44 5.75
C GLY A 588 15.30 34.94 6.05
N VAL A 589 15.57 34.49 7.27
CA VAL A 589 16.89 33.97 7.62
C VAL A 589 17.16 32.69 6.84
N SER A 590 18.39 32.51 6.42
CA SER A 590 18.72 31.39 5.55
C SER A 590 18.70 30.08 6.34
N PRO A 591 18.17 28.99 5.77
CA PRO A 591 18.14 27.71 6.48
C PRO A 591 19.46 26.94 6.47
N ILE A 592 20.49 27.44 5.80
CA ILE A 592 21.74 26.71 5.63
C ILE A 592 22.48 26.59 6.97
N VAL A 593 23.46 25.70 7.02
CA VAL A 593 24.24 25.49 8.23
C VAL A 593 25.72 25.51 7.87
PA FAD B . -3.02 -4.89 -5.36
O1A FAD B . -2.59 -4.37 -6.73
O2A FAD B . -1.81 -5.00 -4.45
O5B FAD B . -3.75 -6.38 -5.48
C5B FAD B . -4.74 -6.57 -6.41
C4B FAD B . -4.74 -8.07 -6.84
O4B FAD B . -5.92 -8.41 -7.28
C3B FAD B . -3.76 -8.24 -8.02
O3B FAD B . -3.08 -9.41 -7.91
C2B FAD B . -4.72 -8.24 -9.23
O2B FAD B . -4.07 -8.84 -10.44
C1B FAD B . -5.68 -8.97 -8.78
N9A FAD B . -6.91 -8.90 -9.56
C8A FAD B . -7.31 -7.92 -10.37
N7A FAD B . -8.50 -8.27 -10.89
C5A FAD B . -8.81 -9.48 -10.42
C6A FAD B . -9.90 -10.30 -10.62
N6A FAD B . -11.10 -10.13 -11.45
N1A FAD B . -9.97 -11.47 -10.01
C2A FAD B . -8.98 -11.88 -9.19
N3A FAD B . -7.91 -11.07 -8.98
C4A FAD B . -7.84 -9.87 -9.60
N1 FAD B . 2.93 1.57 -1.61
C2 FAD B . 3.61 1.83 -0.32
O2 FAD B . 3.00 1.93 0.67
N3 FAD B . 5.10 1.95 -0.28
C4 FAD B . 5.87 1.83 -1.51
O4 FAD B . 7.04 1.93 -1.48
C4X FAD B . 5.14 1.58 -2.82
N5 FAD B . 5.89 1.45 -4.08
C5X FAD B . 5.19 1.20 -5.37
C6 FAD B . 5.93 1.08 -6.56
C7 FAD B . 5.27 0.85 -7.77
C7M FAD B . 6.29 0.76 -8.91
C8 FAD B . 3.86 0.74 -7.80
C8M FAD B . 3.15 0.47 -9.16
C9 FAD B . 3.13 0.85 -6.62
C9A FAD B . 3.78 1.09 -5.39
N10 FAD B . 3.00 1.22 -4.12
C10 FAD B . 3.70 1.46 -2.85
C1' FAD B . 1.52 1.10 -4.11
C2' FAD B . 1.13 -0.29 -3.54
O2' FAD B . 1.65 -1.27 -4.35
C3' FAD B . -0.40 -0.36 -3.55
O3' FAD B . -0.90 0.66 -2.76
C4' FAD B . -0.85 -1.71 -2.99
O4' FAD B . -0.40 -2.73 -3.81
C5' FAD B . -2.39 -1.70 -2.97
O5' FAD B . -2.87 -2.95 -2.53
P FAD B . -4.34 -3.43 -3.17
O1P FAD B . -4.85 -4.61 -2.36
O2P FAD B . -5.30 -2.26 -3.13
O3P FAD B . -4.12 -3.82 -4.76
H51A FAD B . -5.61 -6.33 -6.02
H52A FAD B . -4.58 -6.01 -7.18
H4B FAD B . -4.48 -8.65 -6.10
H3B FAD B . -3.15 -7.48 -8.06
HO3A FAD B . -2.24 -9.25 -7.95
H2B FAD B . -5.03 -7.34 -9.42
HO2A FAD B . -3.89 -8.23 -11.00
H1B FAD B . -5.38 -9.89 -8.74
H8A FAD B . -6.87 -7.12 -10.53
H61A FAD B . -11.88 -10.25 -11.11
H62A FAD B . -11.03 -9.90 -12.28
H2A FAD B . -9.04 -12.70 -8.76
HN3 FAD B . 5.50 2.10 0.47
H6 FAD B . 6.84 1.17 -6.49
HM71 FAD B . 6.54 -0.16 -9.05
HM72 FAD B . 7.08 1.27 -8.67
HM73 FAD B . 5.91 1.13 -9.71
HM81 FAD B . 3.80 0.42 -9.87
HM82 FAD B . 2.53 1.19 -9.34
HM83 FAD B . 2.66 -0.37 -9.11
H9 FAD B . 2.24 0.74 -6.89
H1'1 FAD B . 1.18 1.18 -5.01
H1'2 FAD B . 1.13 1.80 -3.56
H2' FAD B . 1.47 -0.39 -2.65
HO2' FAD B . 2.48 -1.35 -4.20
H3' FAD B . -0.73 -0.25 -4.46
HO3' FAD B . -1.18 1.30 -3.25
H4' FAD B . -0.51 -1.84 -2.10
HO4' FAD B . -0.09 -3.37 -3.34
H5'1 FAD B . -2.69 -1.01 -2.37
H5'2 FAD B . -2.73 -1.52 -3.86
S DMS C . -3.35 -3.17 15.22
O DMS C . -4.76 -3.52 15.38
C1 DMS C . -2.85 -1.94 13.98
C2 DMS C . -2.09 -3.99 16.23
H11 DMS C . -3.64 -1.59 13.53
H12 DMS C . -2.38 -1.21 14.42
H13 DMS C . -2.26 -2.36 13.33
H21 DMS C . -1.46 -4.46 15.66
H22 DMS C . -1.62 -3.33 16.76
H23 DMS C . -2.53 -4.63 16.83
S DMS D . 2.43 -6.19 -27.58
O DMS D . 1.86 -7.55 -27.45
C1 DMS D . 1.63 -4.99 -28.65
C2 DMS D . 3.92 -5.76 -26.64
H11 DMS D . 1.36 -4.22 -28.15
H12 DMS D . 2.25 -4.72 -29.35
H13 DMS D . 0.85 -5.39 -29.07
H21 DMS D . 4.22 -6.52 -26.12
H22 DMS D . 3.72 -5.01 -26.04
H23 DMS D . 4.62 -5.48 -27.26
N10 BTE E . 13.54 20.90 -10.04
C1 BTE E . 13.40 20.04 -11.20
C6 BTE E . 14.55 19.10 -11.60
C5 BTE E . 14.40 18.18 -12.85
C4 BTE E . 13.10 18.22 -13.67
C3 BTE E . 11.96 19.16 -13.27
N9 BTE E . 10.68 19.38 -13.84
S8 BTE E . 9.99 20.44 -12.99
N7 BTE E . 10.92 20.83 -11.87
C2 BTE E . 12.10 20.08 -12.02
H1 BTE E . 13.81 20.57 -9.29
H2 BTE E . 13.35 21.73 -10.10
H3 BTE E . 15.33 19.08 -11.09
H4 BTE E . 15.09 17.61 -13.09
H5 BTE E . 13.01 17.67 -14.42
CA CA F . 14.83 19.78 21.76
#